data_1QZE
#
_entry.id   1QZE
#
_entity_poly.entity_id   1
_entity_poly.type   'polypeptide(L)'
_entity_poly.pdbx_seq_one_letter_code
;GPLGSSAVTITLKTLQQQTFKIRMEPDETVKVLKEKIEAEKGRDAFPVAGQKLIYAGKILSDDVPIRDYRIDEKNFVVVM
VTKTKAGQGTSAPPEASPTAAPESSTSFPPAPTSGMSHPPPAAREDKSPSEESAPTTSPESVSGSVPSSGSSGREEDAAS
TLVTGSEYETMLTEIMSMGYERERVVAALRASYNNPHRAVEYLLTGIPGSPEPEHGSVQESQVSEQPATEAAGENPLEFL
RDQPQFQNMRQVIQQNPALLPALLQQLGQENPQLLQQISRHQEQFIQMLNEPPGELADISDVEGEVGAIGEEAPQMNYIQ
VTPQEKEAIERLKALGFPESLVIQAYFACEKNENLAANFLLSQNFDDE
;
_entity_poly.pdbx_strand_id   A
#
# COMPACT_ATOMS: atom_id res chain seq x y z
N SER A 6 8.27 1.17 -24.52
CA SER A 6 7.20 1.91 -23.78
C SER A 6 7.22 3.39 -24.18
N ALA A 7 6.51 3.75 -25.22
CA ALA A 7 6.79 4.80 -26.24
C ALA A 7 5.48 5.42 -26.73
N VAL A 8 5.57 6.45 -27.54
CA VAL A 8 4.34 7.12 -28.06
C VAL A 8 4.74 8.21 -29.06
N THR A 9 4.25 8.13 -30.27
CA THR A 9 4.61 9.15 -31.29
C THR A 9 3.91 10.48 -31.00
N ILE A 10 4.67 11.50 -30.73
CA ILE A 10 4.06 12.83 -30.43
C ILE A 10 4.15 13.74 -31.66
N THR A 11 3.02 14.20 -32.15
CA THR A 11 3.04 15.08 -33.34
C THR A 11 3.41 16.50 -32.91
N LEU A 12 4.41 17.08 -33.52
CA LEU A 12 4.82 18.46 -33.13
C LEU A 12 4.67 19.42 -34.30
N LYS A 13 3.81 20.41 -34.17
CA LYS A 13 3.61 21.39 -35.27
C LYS A 13 4.36 22.69 -34.97
N THR A 14 4.92 23.32 -35.97
CA THR A 14 5.67 24.58 -35.73
C THR A 14 4.91 25.77 -36.33
N LEU A 15 4.92 26.90 -35.65
CA LEU A 15 4.20 28.11 -36.18
C LEU A 15 4.51 28.32 -37.67
N GLN A 16 5.66 27.90 -38.10
CA GLN A 16 6.03 28.06 -39.53
C GLN A 16 5.12 27.19 -40.41
N GLN A 17 4.24 26.41 -39.82
CA GLN A 17 3.34 25.51 -40.59
C GLN A 17 4.13 24.29 -41.05
N GLN A 18 5.04 23.85 -40.22
CA GLN A 18 5.85 22.65 -40.57
C GLN A 18 5.78 21.66 -39.41
N THR A 19 4.96 20.64 -39.52
CA THR A 19 4.85 19.65 -38.42
C THR A 19 5.61 18.37 -38.74
N PHE A 20 5.63 17.47 -37.81
CA PHE A 20 6.31 16.18 -38.00
C PHE A 20 5.82 15.21 -36.91
N LYS A 21 6.61 14.24 -36.53
CA LYS A 21 6.14 13.29 -35.49
C LYS A 21 7.30 12.73 -34.66
N ILE A 22 7.47 13.22 -33.46
CA ILE A 22 8.56 12.69 -32.59
C ILE A 22 7.98 11.52 -31.78
N ARG A 23 8.73 10.94 -30.89
CA ARG A 23 8.16 9.79 -30.12
C ARG A 23 8.65 9.80 -28.67
N MET A 24 9.94 9.98 -28.47
CA MET A 24 10.50 10.00 -27.07
C MET A 24 9.77 9.00 -26.17
N GLU A 25 9.67 9.29 -24.90
CA GLU A 25 8.96 8.35 -23.98
C GLU A 25 7.76 9.07 -23.35
N PRO A 26 6.73 8.32 -23.05
CA PRO A 26 5.54 8.92 -22.42
C PRO A 26 5.83 9.28 -20.96
N ASP A 27 6.83 10.09 -20.74
CA ASP A 27 7.18 10.49 -19.34
C ASP A 27 8.34 11.49 -19.36
N GLU A 28 9.17 11.44 -20.37
CA GLU A 28 10.33 12.37 -20.45
C GLU A 28 9.87 13.81 -20.21
N THR A 29 10.51 14.49 -19.29
CA THR A 29 10.12 15.90 -19.00
C THR A 29 10.04 16.70 -20.31
N VAL A 30 9.04 17.51 -20.48
CA VAL A 30 8.93 18.30 -21.73
C VAL A 30 10.22 19.09 -21.97
N LYS A 31 11.01 19.27 -20.94
CA LYS A 31 12.29 20.02 -21.10
C LYS A 31 13.15 19.29 -22.15
N VAL A 32 13.17 17.99 -22.10
CA VAL A 32 13.95 17.20 -23.10
C VAL A 32 13.20 17.26 -24.42
N LEU A 33 11.89 17.27 -24.36
CA LEU A 33 11.08 17.36 -25.61
C LEU A 33 11.42 18.67 -26.31
N LYS A 34 11.57 19.73 -25.55
CA LYS A 34 11.93 21.04 -26.16
C LYS A 34 13.23 20.86 -26.94
N GLU A 35 14.21 20.24 -26.33
CA GLU A 35 15.49 19.99 -27.04
C GLU A 35 15.21 19.05 -28.21
N LYS A 36 14.24 18.18 -28.06
CA LYS A 36 13.87 17.24 -29.15
C LYS A 36 13.44 18.04 -30.38
N ILE A 37 12.83 19.17 -30.17
CA ILE A 37 12.40 20.01 -31.33
C ILE A 37 13.64 20.65 -31.97
N GLU A 38 14.61 20.98 -31.17
CA GLU A 38 15.86 21.59 -31.72
C GLU A 38 16.57 20.59 -32.63
N ALA A 39 16.46 19.32 -32.32
CA ALA A 39 17.12 18.29 -33.15
C ALA A 39 16.12 17.71 -34.15
N GLU A 40 14.86 17.71 -33.80
CA GLU A 40 13.82 17.17 -34.73
C GLU A 40 13.73 18.06 -35.98
N LYS A 41 13.60 19.35 -35.78
CA LYS A 41 13.52 20.28 -36.95
C LYS A 41 14.91 20.83 -37.27
N GLY A 42 15.76 20.92 -36.29
CA GLY A 42 17.14 21.46 -36.54
C GLY A 42 17.37 22.69 -35.67
N ARG A 43 18.45 23.38 -35.89
CA ARG A 43 18.74 24.61 -35.08
C ARG A 43 18.94 25.82 -36.00
N ASP A 44 18.40 25.78 -37.18
CA ASP A 44 18.56 26.93 -38.12
C ASP A 44 17.73 28.12 -37.61
N ALA A 45 16.57 27.85 -37.09
CA ALA A 45 15.70 28.95 -36.57
C ALA A 45 14.82 28.43 -35.44
N PHE A 46 15.21 27.36 -34.81
CA PHE A 46 14.39 26.78 -33.70
C PHE A 46 15.17 26.85 -32.38
N PRO A 47 15.15 28.01 -31.76
CA PRO A 47 15.88 28.19 -30.48
C PRO A 47 15.07 27.60 -29.32
N VAL A 48 15.40 27.96 -28.12
CA VAL A 48 14.66 27.43 -26.94
C VAL A 48 13.91 28.57 -26.23
N ALA A 49 14.51 29.73 -26.17
CA ALA A 49 13.87 30.89 -25.48
C ALA A 49 12.39 31.03 -25.87
N GLY A 50 12.07 30.89 -27.14
CA GLY A 50 10.65 31.02 -27.56
C GLY A 50 10.06 29.62 -27.80
N GLN A 51 10.48 28.66 -27.02
CA GLN A 51 9.96 27.28 -27.20
C GLN A 51 8.69 27.05 -26.37
N LYS A 52 7.54 27.26 -26.95
CA LYS A 52 6.28 27.05 -26.21
C LYS A 52 5.46 25.97 -26.94
N LEU A 53 5.23 24.85 -26.31
CA LEU A 53 4.50 23.75 -27.01
C LEU A 53 2.98 23.99 -27.03
N ILE A 54 2.49 24.73 -28.00
CA ILE A 54 1.02 24.98 -28.07
C ILE A 54 0.26 23.68 -28.34
N TYR A 55 -0.55 23.22 -27.42
CA TYR A 55 -1.32 21.98 -27.66
C TYR A 55 -2.82 22.27 -27.51
N ALA A 56 -3.19 23.28 -26.77
CA ALA A 56 -4.63 23.60 -26.59
C ALA A 56 -4.82 25.08 -26.23
N GLY A 57 -4.34 25.97 -27.06
CA GLY A 57 -4.50 27.42 -26.77
C GLY A 57 -3.31 27.91 -25.95
N LYS A 58 -3.02 27.25 -24.85
CA LYS A 58 -1.86 27.68 -24.00
C LYS A 58 -0.64 26.83 -24.36
N ILE A 59 0.54 27.37 -24.18
CA ILE A 59 1.75 26.58 -24.52
C ILE A 59 2.10 25.60 -23.40
N LEU A 60 2.45 24.40 -23.74
CA LEU A 60 2.82 23.41 -22.69
C LEU A 60 4.21 23.79 -22.16
N SER A 61 4.37 23.77 -20.86
CA SER A 61 5.68 24.14 -20.24
C SER A 61 6.76 23.14 -20.60
N ASP A 62 7.91 23.28 -20.00
CA ASP A 62 9.04 22.35 -20.28
C ASP A 62 9.59 21.78 -18.97
N ASP A 63 8.81 21.86 -17.92
CA ASP A 63 9.27 21.32 -16.60
C ASP A 63 8.42 20.11 -16.20
N VAL A 64 7.45 19.77 -17.00
CA VAL A 64 6.59 18.60 -16.67
C VAL A 64 6.77 17.53 -17.74
N PRO A 65 6.42 16.32 -17.43
CA PRO A 65 6.58 15.20 -18.40
C PRO A 65 5.60 15.34 -19.56
N ILE A 66 5.99 14.92 -20.73
CA ILE A 66 5.09 15.02 -21.91
C ILE A 66 3.79 14.26 -21.67
N ARG A 67 3.79 13.34 -20.74
CA ARG A 67 2.53 12.57 -20.44
C ARG A 67 1.74 13.26 -19.32
N ASP A 68 2.07 14.50 -19.02
CA ASP A 68 1.33 15.22 -17.94
C ASP A 68 0.14 15.97 -18.54
N TYR A 69 0.26 16.39 -19.77
CA TYR A 69 -0.85 17.12 -20.43
C TYR A 69 -1.78 16.11 -21.12
N ARG A 70 -1.37 14.88 -21.21
CA ARG A 70 -2.23 13.84 -21.85
C ARG A 70 -2.46 14.16 -23.32
N ILE A 71 -1.45 14.60 -24.02
CA ILE A 71 -1.61 14.93 -25.45
C ILE A 71 -2.13 13.72 -26.22
N ASP A 72 -2.57 13.93 -27.44
CA ASP A 72 -3.09 12.80 -28.26
C ASP A 72 -2.56 12.91 -29.69
N GLU A 73 -2.03 11.85 -30.22
CA GLU A 73 -1.49 11.91 -31.62
C GLU A 73 -2.54 12.50 -32.57
N LYS A 74 -3.80 12.34 -32.26
CA LYS A 74 -4.87 12.89 -33.13
C LYS A 74 -4.73 14.41 -33.24
N ASN A 75 -4.02 15.03 -32.32
CA ASN A 75 -3.85 16.50 -32.37
C ASN A 75 -2.37 16.86 -32.43
N PHE A 76 -2.04 17.92 -33.11
CA PHE A 76 -0.61 18.35 -33.20
C PHE A 76 -0.35 19.54 -32.28
N VAL A 77 0.83 19.66 -31.76
CA VAL A 77 1.13 20.80 -30.85
C VAL A 77 1.88 21.90 -31.60
N VAL A 78 1.25 23.04 -31.81
CA VAL A 78 1.92 24.15 -32.54
C VAL A 78 3.03 24.75 -31.67
N VAL A 79 4.14 24.08 -31.55
CA VAL A 79 5.25 24.61 -30.72
C VAL A 79 5.72 25.96 -31.27
N MET A 80 6.13 26.86 -30.41
CA MET A 80 6.61 28.18 -30.88
C MET A 80 8.14 28.21 -30.82
N VAL A 81 8.76 29.05 -31.60
CA VAL A 81 10.26 29.12 -31.58
C VAL A 81 10.73 30.54 -31.88
N THR A 82 10.39 31.48 -31.03
CA THR A 82 10.81 32.88 -31.26
C THR A 82 11.74 33.35 -30.14
N GLY A 165 13.60 -3.65 31.27
CA GLY A 165 14.32 -3.16 32.49
C GLY A 165 14.19 -4.19 33.61
N SER A 166 13.03 -4.31 34.19
CA SER A 166 12.84 -5.30 35.29
C SER A 166 12.60 -6.70 34.71
N GLU A 167 11.70 -6.81 33.75
CA GLU A 167 11.42 -8.14 33.14
C GLU A 167 12.73 -8.80 32.69
N TYR A 168 13.72 -8.01 32.39
CA TYR A 168 15.03 -8.58 31.97
C TYR A 168 15.77 -9.06 33.20
N GLU A 169 15.69 -8.32 34.28
CA GLU A 169 16.39 -8.76 35.51
C GLU A 169 15.67 -9.99 36.07
N THR A 170 14.36 -9.94 36.15
CA THR A 170 13.61 -11.12 36.66
C THR A 170 14.01 -12.32 35.80
N MET A 171 14.41 -12.06 34.58
CA MET A 171 14.86 -13.15 33.68
C MET A 171 16.32 -13.47 34.01
N LEU A 172 17.10 -12.47 34.35
CA LEU A 172 18.53 -12.73 34.70
C LEU A 172 18.59 -13.81 35.77
N THR A 173 17.69 -13.75 36.72
CA THR A 173 17.67 -14.79 37.79
C THR A 173 17.07 -16.07 37.21
N GLU A 174 16.19 -15.94 36.25
CA GLU A 174 15.57 -17.15 35.63
C GLU A 174 16.67 -18.00 35.00
N ILE A 175 17.68 -17.37 34.46
CA ILE A 175 18.78 -18.15 33.82
C ILE A 175 20.02 -18.18 34.73
N MET A 176 20.51 -17.04 35.13
CA MET A 176 21.72 -16.99 36.02
C MET A 176 21.66 -18.08 37.09
N SER A 177 20.53 -18.20 37.74
CA SER A 177 20.37 -19.24 38.82
C SER A 177 21.07 -20.55 38.46
N MET A 178 21.13 -20.88 37.20
CA MET A 178 21.81 -22.15 36.78
C MET A 178 23.26 -22.16 37.28
N GLY A 179 23.89 -21.02 37.31
CA GLY A 179 25.30 -20.96 37.79
C GLY A 179 26.07 -19.86 37.04
N TYR A 180 25.57 -19.44 35.91
CA TYR A 180 26.27 -18.37 35.13
C TYR A 180 26.40 -17.10 35.97
N GLU A 181 27.09 -16.11 35.46
CA GLU A 181 27.25 -14.84 36.22
C GLU A 181 26.02 -13.94 36.02
N ARG A 182 26.19 -12.65 36.11
CA ARG A 182 25.03 -11.73 35.92
C ARG A 182 25.15 -10.99 34.58
N GLU A 183 26.19 -10.22 34.41
CA GLU A 183 26.36 -9.47 33.13
C GLU A 183 26.47 -10.45 31.95
N ARG A 184 27.03 -11.60 32.18
CA ARG A 184 27.17 -12.60 31.07
C ARG A 184 25.79 -13.12 30.67
N VAL A 185 24.88 -13.18 31.61
CA VAL A 185 23.52 -13.68 31.28
C VAL A 185 22.79 -12.65 30.40
N VAL A 186 22.71 -11.42 30.83
CA VAL A 186 22.01 -10.41 29.99
C VAL A 186 22.69 -10.29 28.62
N ALA A 187 24.00 -10.37 28.58
CA ALA A 187 24.72 -10.28 27.28
C ALA A 187 24.21 -11.39 26.36
N ALA A 188 24.12 -12.59 26.87
CA ALA A 188 23.60 -13.70 26.05
C ALA A 188 22.12 -13.47 25.84
N LEU A 189 21.47 -12.92 26.83
CA LEU A 189 20.01 -12.63 26.73
C LEU A 189 19.77 -11.46 25.77
N ARG A 190 20.81 -10.90 25.21
CA ARG A 190 20.61 -9.78 24.25
C ARG A 190 20.78 -10.35 22.86
N ALA A 191 21.58 -11.38 22.75
CA ALA A 191 21.78 -12.01 21.43
C ALA A 191 21.14 -13.41 21.41
N SER A 192 20.61 -13.85 22.52
CA SER A 192 19.97 -15.20 22.57
C SER A 192 18.46 -15.07 22.76
N TYR A 193 17.87 -14.05 22.20
CA TYR A 193 16.39 -13.86 22.34
C TYR A 193 16.02 -13.65 23.82
N ASN A 194 16.90 -13.04 24.58
CA ASN A 194 16.62 -12.79 26.04
C ASN A 194 15.87 -13.97 26.66
N ASN A 195 16.15 -15.17 26.22
CA ASN A 195 15.45 -16.36 26.78
C ASN A 195 16.46 -17.40 27.27
N PRO A 196 15.98 -18.31 28.07
CA PRO A 196 16.85 -19.40 28.60
C PRO A 196 17.22 -20.38 27.48
N HIS A 197 16.58 -20.26 26.34
CA HIS A 197 16.90 -21.18 25.21
C HIS A 197 18.30 -20.88 24.66
N ARG A 198 18.40 -19.91 23.80
CA ARG A 198 19.72 -19.56 23.20
C ARG A 198 20.68 -19.06 24.29
N ALA A 199 20.19 -18.38 25.31
CA ALA A 199 21.10 -17.89 26.38
C ALA A 199 21.92 -19.06 26.92
N VAL A 200 21.27 -20.03 27.52
CA VAL A 200 22.03 -21.21 28.02
C VAL A 200 23.02 -21.66 26.95
N GLU A 201 22.62 -21.54 25.70
CA GLU A 201 23.54 -21.92 24.58
C GLU A 201 24.65 -20.87 24.48
N TYR A 202 24.30 -19.61 24.59
CA TYR A 202 25.33 -18.53 24.52
C TYR A 202 25.89 -18.26 25.92
N LEU A 203 25.55 -19.09 26.86
CA LEU A 203 26.04 -18.91 28.25
C LEU A 203 27.19 -19.88 28.52
N LEU A 204 27.21 -20.98 27.83
CA LEU A 204 28.31 -21.97 28.04
C LEU A 204 29.66 -21.35 27.67
N THR A 205 29.75 -20.79 26.50
CA THR A 205 31.04 -20.15 26.09
C THR A 205 30.77 -18.78 25.45
N LEU A 237 3.84 -0.48 3.22
CA LEU A 237 2.82 -0.38 4.31
C LEU A 237 3.13 -1.37 5.42
N GLU A 238 3.62 -2.54 5.07
CA GLU A 238 3.95 -3.55 6.11
C GLU A 238 5.33 -3.29 6.71
N PHE A 239 6.30 -2.96 5.89
CA PHE A 239 7.67 -2.69 6.42
C PHE A 239 7.62 -1.62 7.51
N LEU A 240 6.70 -0.70 7.41
CA LEU A 240 6.60 0.37 8.45
C LEU A 240 5.65 -0.08 9.57
N ARG A 241 4.55 -0.70 9.21
CA ARG A 241 3.58 -1.17 10.24
C ARG A 241 4.29 -2.13 11.21
N ASP A 242 5.38 -2.71 10.78
CA ASP A 242 6.11 -3.66 11.68
C ASP A 242 7.34 -2.96 12.29
N GLN A 243 7.74 -1.85 11.73
CA GLN A 243 8.93 -1.13 12.29
C GLN A 243 8.57 -0.48 13.63
N PRO A 244 9.59 -0.08 14.35
CA PRO A 244 9.37 0.57 15.67
C PRO A 244 8.74 1.96 15.51
N GLN A 245 8.95 2.57 14.38
CA GLN A 245 8.36 3.93 14.15
C GLN A 245 6.84 3.86 14.18
N PHE A 246 6.26 3.06 13.33
CA PHE A 246 4.77 2.92 13.31
C PHE A 246 4.26 2.41 14.66
N GLN A 247 4.97 1.49 15.25
CA GLN A 247 4.52 0.95 16.57
C GLN A 247 4.30 2.09 17.56
N ASN A 248 5.14 3.09 17.52
CA ASN A 248 4.96 4.26 18.43
C ASN A 248 3.76 5.09 17.98
N MET A 249 3.42 5.01 16.72
CA MET A 249 2.25 5.77 16.19
C MET A 249 0.96 4.98 16.43
N ARG A 250 1.07 3.69 16.63
CA ARG A 250 -0.14 2.86 16.87
C ARG A 250 -0.20 2.44 18.35
N GLN A 251 0.80 2.80 19.11
CA GLN A 251 0.81 2.44 20.55
C GLN A 251 0.62 3.70 21.40
N VAL A 252 1.21 4.79 20.99
CA VAL A 252 1.04 6.05 21.77
C VAL A 252 -0.28 6.73 21.40
N ILE A 253 -0.70 6.58 20.16
CA ILE A 253 -1.98 7.21 19.73
C ILE A 253 -3.14 6.62 20.54
N GLN A 254 -3.00 5.41 20.99
CA GLN A 254 -4.08 4.76 21.79
C GLN A 254 -4.45 5.64 22.99
N GLN A 255 -3.55 6.46 23.44
CA GLN A 255 -3.84 7.35 24.61
C GLN A 255 -3.63 8.83 24.23
N ASN A 256 -3.32 9.10 23.00
CA ASN A 256 -3.10 10.52 22.59
C ASN A 256 -3.37 10.68 21.08
N PRO A 257 -4.56 11.12 20.75
CA PRO A 257 -4.93 11.31 19.33
C PRO A 257 -4.17 12.50 18.72
N ALA A 258 -3.48 13.27 19.53
CA ALA A 258 -2.72 14.43 19.00
C ALA A 258 -1.35 13.98 18.46
N LEU A 259 -0.91 12.82 18.88
CA LEU A 259 0.42 12.33 18.39
C LEU A 259 0.30 11.79 16.96
N LEU A 260 -0.87 11.35 16.56
CA LEU A 260 -1.03 10.83 15.18
C LEU A 260 -0.57 11.87 14.15
N PRO A 261 -1.12 13.06 14.24
CA PRO A 261 -0.72 14.14 13.31
C PRO A 261 0.70 14.60 13.60
N ALA A 262 1.05 14.76 14.86
CA ALA A 262 2.43 15.20 15.21
C ALA A 262 3.45 14.23 14.63
N LEU A 263 3.17 12.95 14.68
CA LEU A 263 4.12 11.95 14.13
C LEU A 263 3.99 11.90 12.61
N LEU A 264 2.79 11.88 12.11
CA LEU A 264 2.60 11.84 10.64
C LEU A 264 3.40 12.97 9.97
N GLN A 265 3.68 14.00 10.71
CA GLN A 265 4.48 15.13 10.15
C GLN A 265 5.94 15.00 10.57
N GLN A 266 6.20 14.24 11.60
CA GLN A 266 7.61 14.05 12.07
C GLN A 266 8.09 12.64 11.74
N LEU A 267 7.59 11.65 12.43
CA LEU A 267 8.02 10.25 12.16
C LEU A 267 7.41 9.76 10.85
N GLY A 268 6.11 9.80 10.74
CA GLY A 268 5.44 9.35 9.47
C GLY A 268 5.95 10.16 8.29
N GLN A 269 6.49 11.33 8.54
CA GLN A 269 7.00 12.17 7.43
C GLN A 269 8.51 11.97 7.26
N GLU A 270 9.03 10.87 7.72
CA GLU A 270 10.50 10.62 7.59
C GLU A 270 10.75 9.45 6.64
N ASN A 271 9.78 8.59 6.47
CA ASN A 271 9.96 7.43 5.54
C ASN A 271 9.22 7.70 4.22
N PRO A 272 9.98 7.88 3.17
CA PRO A 272 9.36 8.14 1.85
C PRO A 272 8.71 6.87 1.30
N GLN A 273 9.10 5.73 1.79
CA GLN A 273 8.49 4.46 1.30
C GLN A 273 6.99 4.46 1.55
N LEU A 274 6.56 4.99 2.66
CA LEU A 274 5.09 5.03 2.95
C LEU A 274 4.50 6.37 2.54
N LEU A 275 5.25 7.43 2.65
CA LEU A 275 4.72 8.77 2.26
C LEU A 275 4.14 8.73 0.85
N GLN A 276 4.77 8.01 -0.04
CA GLN A 276 4.27 7.92 -1.44
C GLN A 276 2.91 7.21 -1.49
N GLN A 277 2.63 6.37 -0.55
CA GLN A 277 1.32 5.65 -0.55
C GLN A 277 0.37 6.29 0.47
N ILE A 278 0.81 6.43 1.68
CA ILE A 278 -0.03 7.05 2.76
C ILE A 278 -0.76 8.29 2.22
N SER A 279 -0.14 9.03 1.35
CA SER A 279 -0.80 10.26 0.80
C SER A 279 -2.15 9.87 0.19
N ARG A 280 -2.21 8.75 -0.47
CA ARG A 280 -3.48 8.30 -1.09
C ARG A 280 -4.05 7.11 -0.30
N HIS A 281 -3.28 6.57 0.63
CA HIS A 281 -3.76 5.42 1.43
C HIS A 281 -4.04 5.86 2.87
N GLN A 282 -4.14 7.15 3.11
CA GLN A 282 -4.40 7.64 4.49
C GLN A 282 -5.63 6.95 5.08
N GLU A 283 -6.52 6.49 4.23
CA GLU A 283 -7.74 5.79 4.74
C GLU A 283 -7.38 4.40 5.24
N GLN A 284 -6.59 3.68 4.50
CA GLN A 284 -6.19 2.30 4.94
C GLN A 284 -5.16 2.39 6.07
N PHE A 285 -4.29 3.36 6.02
CA PHE A 285 -3.27 3.50 7.09
C PHE A 285 -3.96 3.74 8.45
N ILE A 286 -4.88 4.66 8.49
CA ILE A 286 -5.60 4.93 9.77
C ILE A 286 -6.50 3.75 10.14
N GLN A 287 -7.10 3.12 9.17
CA GLN A 287 -7.99 1.97 9.47
C GLN A 287 -7.18 0.84 10.11
N MET A 288 -5.88 0.83 9.91
CA MET A 288 -5.05 -0.25 10.52
C MET A 288 -4.37 0.27 11.79
N THR A 322 -36.60 -25.07 -3.05
CA THR A 322 -37.60 -25.48 -4.07
C THR A 322 -38.94 -25.76 -3.39
N PRO A 323 -39.93 -26.09 -4.17
CA PRO A 323 -41.27 -26.39 -3.60
C PRO A 323 -41.25 -27.73 -2.85
N GLN A 324 -40.17 -28.45 -2.91
CA GLN A 324 -40.10 -29.75 -2.19
C GLN A 324 -39.37 -29.58 -0.86
N GLU A 325 -38.21 -28.97 -0.88
CA GLU A 325 -37.44 -28.78 0.39
C GLU A 325 -38.10 -27.68 1.23
N LYS A 326 -38.76 -26.74 0.61
CA LYS A 326 -39.41 -25.63 1.37
C LYS A 326 -40.30 -26.21 2.49
N GLU A 327 -40.82 -27.39 2.29
CA GLU A 327 -41.68 -28.00 3.35
C GLU A 327 -40.86 -28.26 4.62
N ALA A 328 -39.63 -28.64 4.46
CA ALA A 328 -38.78 -28.90 5.66
C ALA A 328 -38.32 -27.58 6.29
N ILE A 329 -38.29 -26.52 5.52
CA ILE A 329 -37.86 -25.21 6.09
C ILE A 329 -39.05 -24.49 6.69
N GLU A 330 -40.14 -24.42 5.98
CA GLU A 330 -41.34 -23.73 6.51
C GLU A 330 -41.73 -24.36 7.86
N ARG A 331 -41.53 -25.64 8.00
CA ARG A 331 -41.87 -26.31 9.29
C ARG A 331 -40.82 -25.96 10.35
N LEU A 332 -39.56 -26.15 10.04
CA LEU A 332 -38.49 -25.81 11.02
C LEU A 332 -38.58 -24.33 11.38
N LYS A 333 -38.55 -23.47 10.39
CA LYS A 333 -38.66 -22.01 10.67
C LYS A 333 -39.93 -21.74 11.49
N ALA A 334 -40.89 -22.63 11.42
CA ALA A 334 -42.15 -22.45 12.20
C ALA A 334 -42.02 -23.13 13.55
N LEU A 335 -41.20 -24.15 13.64
CA LEU A 335 -41.03 -24.87 14.94
C LEU A 335 -40.33 -23.95 15.95
N GLY A 336 -39.62 -22.96 15.49
CA GLY A 336 -38.92 -22.04 16.43
C GLY A 336 -37.47 -21.81 15.95
N PHE A 337 -37.04 -22.50 14.93
CA PHE A 337 -35.65 -22.32 14.44
C PHE A 337 -35.57 -21.10 13.50
N PRO A 338 -34.36 -20.62 13.30
CA PRO A 338 -34.15 -19.46 12.39
C PRO A 338 -34.42 -19.85 10.94
N GLU A 339 -33.89 -19.12 9.99
CA GLU A 339 -34.12 -19.46 8.56
C GLU A 339 -32.80 -19.81 7.87
N SER A 340 -31.96 -18.82 7.64
CA SER A 340 -30.65 -19.08 6.95
C SER A 340 -29.95 -20.31 7.53
N LEU A 341 -29.95 -20.46 8.83
CA LEU A 341 -29.28 -21.63 9.46
C LEU A 341 -30.15 -22.88 9.28
N VAL A 342 -31.42 -22.71 9.03
CA VAL A 342 -32.32 -23.88 8.83
C VAL A 342 -32.36 -24.29 7.36
N ILE A 343 -32.83 -23.42 6.49
CA ILE A 343 -32.89 -23.75 5.04
C ILE A 343 -31.54 -24.27 4.55
N GLN A 344 -30.47 -23.75 5.07
CA GLN A 344 -29.12 -24.21 4.64
C GLN A 344 -28.76 -25.53 5.32
N ALA A 345 -28.67 -25.51 6.62
CA ALA A 345 -28.33 -26.76 7.37
C ALA A 345 -29.16 -27.95 6.90
N TYR A 346 -30.34 -27.72 6.37
CA TYR A 346 -31.20 -28.85 5.91
C TYR A 346 -30.38 -29.83 5.07
N PHE A 347 -29.54 -29.33 4.19
CA PHE A 347 -28.69 -30.25 3.37
C PHE A 347 -27.58 -30.81 4.26
N ALA A 348 -27.95 -31.51 5.29
CA ALA A 348 -26.93 -32.08 6.22
C ALA A 348 -26.33 -33.35 5.65
N CYS A 349 -27.06 -34.42 5.64
CA CYS A 349 -26.50 -35.70 5.10
C CYS A 349 -27.37 -36.27 3.99
N GLU A 350 -28.58 -36.67 4.30
CA GLU A 350 -29.46 -37.24 3.24
C GLU A 350 -30.70 -36.39 3.05
N LYS A 351 -30.61 -35.11 3.32
CA LYS A 351 -31.80 -34.22 3.18
C LYS A 351 -32.87 -34.70 4.14
N ASN A 352 -32.47 -35.38 5.18
CA ASN A 352 -33.46 -35.90 6.16
C ASN A 352 -33.87 -34.79 7.12
N GLU A 353 -34.52 -35.14 8.20
CA GLU A 353 -34.94 -34.09 9.17
C GLU A 353 -34.18 -34.26 10.50
N ASN A 354 -33.17 -35.10 10.53
CA ASN A 354 -32.41 -35.27 11.80
C ASN A 354 -30.93 -35.00 11.56
N LEU A 355 -30.34 -35.56 10.54
CA LEU A 355 -28.89 -35.27 10.31
C LEU A 355 -28.66 -33.77 10.49
N ALA A 356 -29.46 -32.98 9.84
CA ALA A 356 -29.34 -31.49 9.96
C ALA A 356 -29.95 -30.99 11.28
N ALA A 357 -31.14 -31.44 11.60
CA ALA A 357 -31.79 -30.98 12.87
C ALA A 357 -31.16 -31.68 14.08
N ASN A 358 -31.15 -32.99 14.07
CA ASN A 358 -30.54 -33.77 15.19
C ASN A 358 -29.18 -33.16 15.58
N PHE A 359 -28.32 -32.90 14.62
CA PHE A 359 -27.00 -32.30 14.96
C PHE A 359 -27.17 -30.83 15.34
N LEU A 360 -28.23 -30.21 14.88
CA LEU A 360 -28.47 -28.77 15.21
C LEU A 360 -29.08 -28.65 16.60
N LEU A 361 -29.78 -29.66 17.06
CA LEU A 361 -30.42 -29.60 18.41
C LEU A 361 -29.43 -30.07 19.48
N SER A 362 -28.54 -30.96 19.13
CA SER A 362 -27.55 -31.46 20.13
C SER A 362 -26.36 -30.49 20.23
N GLN A 363 -26.04 -29.81 19.17
CA GLN A 363 -24.90 -28.86 19.20
C GLN A 363 -25.36 -27.50 19.73
N ASN A 364 -26.59 -27.14 19.49
CA ASN A 364 -27.10 -25.82 19.98
C ASN A 364 -27.81 -25.99 21.32
N PHE A 365 -28.90 -26.72 21.34
CA PHE A 365 -29.64 -26.92 22.62
C PHE A 365 -28.95 -28.00 23.47
#